data_2HC0
#
_entry.id   2HC0
#
_cell.length_a   86.610
_cell.length_b   86.610
_cell.length_c   33.660
_cell.angle_alpha   90.000
_cell.angle_beta   90.000
_cell.angle_gamma   90.000
#
_symmetry.space_group_name_H-M   'P 43'
#
loop_
_entity.id
_entity.type
_entity.pdbx_description
1 polymer Protease
2 non-polymer 'BROMIDE ION'
3 non-polymer '[1-((1S,2R)-1-BENZYL-2-HYDROXY-3-{ISOBUTYL[(4-METHOXYPHENYL)SULFONYL]AMINO}PROPYL)-1H-1,2,3-TRIAZOL-4-YL]METHYL (1R,2R)-2-HYDROXY-2,3-DIHYDRO-1H-INDEN-1-YLCARBAMATE'
4 water water
#
_entity_poly.entity_id   1
_entity_poly.type   'polypeptide(L)'
_entity_poly.pdbx_seq_one_letter_code
;PQITLWKRPLVTIKIGGQLKEALIDTGADDTVLEEMNLPGRWKPKIIGGIGGLIKVRQYDQIPIEICGHKAIGTVLIGPT
PANIIGRNLLTQIGCTLNF
;
_entity_poly.pdbx_strand_id   A,B
#
loop_
_chem_comp.id
_chem_comp.type
_chem_comp.name
_chem_comp.formula
AB2 non-polymer '[1-((1S,2R)-1-BENZYL-2-HYDROXY-3-{ISOBUTYL[(4-METHOXYPHENYL)SULFONYL]AMINO}PROPYL)-1H-1,2,3-TRIAZOL-4-YL]METHYL (1R,2R)-2-HYDROXY-2,3-DIHYDRO-1H-INDEN-1-YLCARBAMATE' 'C34 H41 N5 O7 S'
BR non-polymer 'BROMIDE ION' 'Br -1'
#
# COMPACT_ATOMS: atom_id res chain seq x y z
N PRO A 1 -4.24 11.26 -13.91
CA PRO A 1 -4.27 10.07 -14.75
C PRO A 1 -5.17 8.98 -14.19
N GLN A 2 -5.44 7.96 -15.00
CA GLN A 2 -6.11 6.77 -14.51
C GLN A 2 -5.04 5.67 -14.48
N ILE A 3 -4.74 5.15 -13.31
CA ILE A 3 -3.61 4.22 -13.24
C ILE A 3 -4.07 2.81 -12.94
N THR A 4 -3.69 1.87 -13.79
CA THR A 4 -4.01 0.46 -13.60
C THR A 4 -2.95 -0.18 -12.69
N LEU A 5 -3.21 -1.41 -12.26
CA LEU A 5 -2.33 -2.05 -11.27
C LEU A 5 -1.62 -3.26 -11.76
N TRP A 6 -1.44 -3.40 -13.07
CA TRP A 6 -0.75 -4.57 -13.60
C TRP A 6 0.73 -4.54 -13.26
N LYS A 7 1.21 -3.32 -13.15
CA LYS A 7 2.53 -2.98 -12.69
C LYS A 7 2.45 -2.10 -11.43
N ARG A 8 3.54 -1.94 -10.69
CA ARG A 8 3.51 -1.08 -9.51
C ARG A 8 3.05 0.32 -9.93
N PRO A 9 2.31 0.97 -9.08
CA PRO A 9 1.81 2.32 -9.43
C PRO A 9 2.85 3.38 -9.12
N LEU A 10 3.93 3.41 -9.88
CA LEU A 10 4.98 4.41 -9.80
C LEU A 10 4.52 5.77 -10.37
N VAL A 11 4.81 6.84 -9.62
CA VAL A 11 4.60 8.21 -10.10
C VAL A 11 5.81 9.05 -9.77
N THR A 12 5.90 10.22 -10.38
CA THR A 12 6.97 11.16 -10.04
C THR A 12 6.44 12.16 -9.00
N ILE A 13 7.25 12.37 -7.98
N ILE A 13 7.24 12.43 -7.97
CA ILE A 13 6.92 13.22 -6.85
CA ILE A 13 6.96 13.47 -7.01
C ILE A 13 8.00 14.29 -6.67
C ILE A 13 8.01 14.58 -7.10
N LYS A 14 7.55 15.52 -6.81
N LYS A 14 7.57 15.80 -6.87
CA LYS A 14 8.35 16.73 -6.63
CA LYS A 14 8.48 16.94 -6.71
C LYS A 14 8.42 17.11 -5.16
C LYS A 14 8.49 17.36 -5.24
N ILE A 15 9.62 17.13 -4.58
CA ILE A 15 9.73 17.36 -3.13
C ILE A 15 11.14 17.85 -2.86
N GLY A 16 11.07 18.90 -2.04
CA GLY A 16 12.33 19.65 -1.98
C GLY A 16 12.45 20.18 -3.41
N GLY A 17 13.69 20.51 -3.73
CA GLY A 17 13.82 20.95 -5.12
C GLY A 17 14.15 19.75 -6.00
N GLN A 18 13.71 18.54 -5.62
CA GLN A 18 14.04 17.42 -6.48
C GLN A 18 12.88 16.51 -6.82
N LEU A 19 13.07 15.78 -7.92
CA LEU A 19 12.21 14.68 -8.34
C LEU A 19 12.62 13.34 -7.72
N LYS A 20 11.62 12.59 -7.24
CA LYS A 20 11.77 11.23 -6.76
C LYS A 20 10.70 10.35 -7.40
N GLU A 21 10.94 9.06 -7.53
CA GLU A 21 9.81 8.24 -7.98
C GLU A 21 9.32 7.51 -6.72
N ALA A 22 8.02 7.31 -6.66
CA ALA A 22 7.42 6.70 -5.48
C ALA A 22 6.18 5.95 -5.93
N LEU A 23 5.82 5.02 -5.08
CA LEU A 23 4.66 4.19 -5.29
C LEU A 23 3.41 4.89 -4.75
N ILE A 24 2.34 4.92 -5.52
CA ILE A 24 1.04 5.28 -4.87
C ILE A 24 0.62 4.12 -3.98
N ASP A 25 0.52 4.31 -2.67
CA ASP A 25 0.30 3.21 -1.73
C ASP A 25 -0.92 3.46 -0.88
N THR A 26 -2.06 2.93 -1.33
CA THR A 26 -3.28 3.17 -0.53
C THR A 26 -3.24 2.43 0.79
N GLY A 27 -2.34 1.45 0.97
CA GLY A 27 -2.18 0.75 2.22
C GLY A 27 -1.43 1.53 3.29
N ALA A 28 -0.75 2.59 2.91
CA ALA A 28 0.05 3.45 3.73
C ALA A 28 -0.75 4.64 4.25
N ASP A 29 -0.92 4.74 5.57
CA ASP A 29 -1.45 5.93 6.21
C ASP A 29 -0.59 7.16 5.94
N ASP A 30 0.71 6.95 6.01
CA ASP A 30 1.63 8.06 5.86
C ASP A 30 2.60 7.91 4.69
N THR A 31 3.19 9.04 4.30
CA THR A 31 4.14 9.02 3.18
C THR A 31 5.52 8.79 3.75
N VAL A 32 6.27 7.88 3.19
CA VAL A 32 7.57 7.52 3.76
C VAL A 32 8.54 7.45 2.59
N LEU A 33 9.60 8.23 2.69
N LEU A 33 9.61 8.20 2.70
CA LEU A 33 10.65 8.25 1.68
CA LEU A 33 10.64 8.17 1.66
C LEU A 33 11.95 7.72 2.26
C LEU A 33 12.00 7.82 2.24
N GLU A 34 12.81 7.20 1.39
CA GLU A 34 14.19 6.89 1.67
C GLU A 34 14.96 8.19 1.97
N GLU A 35 16.16 8.01 2.53
CA GLU A 35 16.98 9.16 2.89
C GLU A 35 17.07 10.24 1.82
N MET A 36 16.79 11.47 2.25
CA MET A 36 16.93 12.63 1.37
C MET A 36 17.03 13.88 2.25
N ASN A 37 17.54 14.93 1.66
CA ASN A 37 17.55 16.26 2.27
C ASN A 37 16.19 16.97 2.31
N LEU A 38 15.70 17.30 3.52
CA LEU A 38 14.47 18.11 3.60
C LEU A 38 14.80 19.28 4.52
N PRO A 39 14.18 20.42 4.26
CA PRO A 39 14.54 21.57 5.08
C PRO A 39 13.85 21.51 6.42
N GLY A 40 14.43 22.21 7.40
CA GLY A 40 13.70 22.48 8.64
C GLY A 40 13.99 21.46 9.73
N ARG A 41 13.08 21.49 10.71
CA ARG A 41 13.27 20.62 11.87
C ARG A 41 12.46 19.35 11.68
N TRP A 42 12.83 18.36 12.45
CA TRP A 42 12.12 17.08 12.48
C TRP A 42 11.93 16.58 13.92
N LYS A 43 10.93 15.69 14.03
CA LYS A 43 10.56 15.00 15.26
C LYS A 43 10.57 13.49 15.06
N PRO A 44 10.66 12.71 16.12
CA PRO A 44 10.74 11.26 15.99
C PRO A 44 9.34 10.69 15.88
N LYS A 45 9.28 9.55 15.20
CA LYS A 45 8.09 8.74 15.04
C LYS A 45 8.51 7.28 14.82
N ILE A 46 7.70 6.39 15.37
CA ILE A 46 7.77 4.98 15.10
C ILE A 46 6.60 4.57 14.20
N ILE A 47 6.88 3.77 13.17
CA ILE A 47 5.78 3.31 12.34
C ILE A 47 5.97 1.81 12.13
N GLY A 48 4.90 1.11 11.75
CA GLY A 48 4.97 -0.33 11.66
C GLY A 48 4.30 -0.84 10.41
N GLY A 49 4.84 -1.95 9.94
CA GLY A 49 4.47 -2.62 8.73
C GLY A 49 4.67 -4.12 8.75
N ILE A 50 4.76 -4.76 7.60
CA ILE A 50 5.04 -6.20 7.65
C ILE A 50 6.49 -6.33 8.02
N GLY A 51 6.95 -7.35 8.69
CA GLY A 51 8.32 -7.19 9.20
C GLY A 51 8.34 -6.54 10.58
N GLY A 52 7.66 -5.46 10.90
CA GLY A 52 7.74 -4.88 12.26
C GLY A 52 7.84 -3.37 12.22
N LEU A 53 8.40 -2.77 13.28
CA LEU A 53 8.41 -1.32 13.38
C LEU A 53 9.71 -0.68 12.95
N ILE A 54 9.65 0.59 12.58
CA ILE A 54 10.86 1.35 12.31
C ILE A 54 10.72 2.76 12.88
N LYS A 55 11.88 3.37 13.21
CA LYS A 55 11.82 4.77 13.62
C LYS A 55 12.09 5.63 12.37
N VAL A 56 11.45 6.78 12.25
CA VAL A 56 11.62 7.64 11.08
C VAL A 56 11.79 9.09 11.51
N ARG A 57 12.14 9.96 10.55
CA ARG A 57 12.22 11.39 10.86
C ARG A 57 10.98 12.05 10.31
N GLN A 58 10.23 12.75 11.12
CA GLN A 58 8.98 13.36 10.73
C GLN A 58 9.15 14.85 10.43
N TYR A 59 8.94 15.18 9.15
CA TYR A 59 9.03 16.58 8.74
C TYR A 59 7.60 17.04 8.43
N ASP A 60 7.18 18.15 9.02
CA ASP A 60 5.81 18.60 8.82
C ASP A 60 5.77 19.75 7.81
N GLN A 61 4.63 20.08 7.25
CA GLN A 61 4.43 21.23 6.38
C GLN A 61 5.39 21.19 5.19
N ILE A 62 5.49 20.01 4.57
CA ILE A 62 6.39 19.88 3.42
C ILE A 62 5.57 19.98 2.13
N PRO A 63 5.78 20.93 1.25
CA PRO A 63 5.10 20.99 -0.03
C PRO A 63 5.53 19.91 -1.01
N ILE A 64 4.52 19.39 -1.71
N ILE A 64 4.52 19.36 -1.71
CA ILE A 64 4.83 18.34 -2.70
CA ILE A 64 4.92 18.36 -2.70
C ILE A 64 3.94 18.55 -3.91
C ILE A 64 4.20 18.65 -4.00
N GLU A 65 4.35 17.99 -5.05
N GLU A 65 4.62 17.94 -5.05
CA GLU A 65 3.54 18.08 -6.26
CA GLU A 65 3.80 17.95 -6.25
C GLU A 65 3.65 16.75 -7.01
C GLU A 65 3.69 16.53 -6.76
N ILE A 66 2.52 16.09 -7.24
CA ILE A 66 2.50 14.77 -7.83
C ILE A 66 1.80 14.87 -9.18
N CYS A 67 2.51 14.64 -10.27
CA CYS A 67 1.84 14.68 -11.56
C CYS A 67 1.01 15.95 -11.71
N GLY A 68 1.60 17.12 -11.48
CA GLY A 68 0.83 18.34 -11.68
C GLY A 68 -0.10 18.70 -10.57
N HIS A 69 -0.31 17.87 -9.55
CA HIS A 69 -1.19 18.28 -8.45
C HIS A 69 -0.38 18.66 -7.20
N LYS A 70 -0.58 19.88 -6.69
CA LYS A 70 0.12 20.35 -5.51
C LYS A 70 -0.54 19.87 -4.21
N ALA A 71 0.25 19.63 -3.17
CA ALA A 71 -0.30 19.45 -1.84
C ALA A 71 0.70 19.87 -0.78
N ILE A 72 0.32 19.77 0.50
CA ILE A 72 1.30 19.98 1.56
C ILE A 72 0.94 19.01 2.68
N GLY A 73 1.95 18.56 3.46
CA GLY A 73 1.66 17.68 4.60
C GLY A 73 2.94 17.12 5.18
N THR A 74 2.79 16.14 6.05
CA THR A 74 3.91 15.53 6.73
C THR A 74 4.55 14.47 5.82
N VAL A 75 5.88 14.44 5.85
CA VAL A 75 6.65 13.46 5.12
C VAL A 75 7.60 12.77 6.10
N LEU A 76 7.65 11.43 6.11
CA LEU A 76 8.53 10.69 6.99
C LEU A 76 9.74 10.20 6.20
N ILE A 77 10.91 10.33 6.79
CA ILE A 77 12.14 9.85 6.17
C ILE A 77 12.77 8.74 7.00
N GLY A 78 13.08 7.59 6.37
CA GLY A 78 13.70 6.52 7.15
C GLY A 78 13.92 5.30 6.26
N PRO A 79 14.38 4.19 6.84
N PRO A 79 14.28 4.22 6.94
CA PRO A 79 14.79 3.03 6.03
CA PRO A 79 14.48 2.92 6.31
C PRO A 79 13.61 2.20 5.53
C PRO A 79 13.16 2.35 5.81
N THR A 80 12.90 2.75 4.57
CA THR A 80 11.86 2.05 3.83
C THR A 80 12.49 1.49 2.56
N PRO A 81 12.13 0.32 2.06
CA PRO A 81 12.88 -0.18 0.91
C PRO A 81 12.27 0.42 -0.35
N ALA A 82 11.25 1.23 -0.15
CA ALA A 82 10.55 1.81 -1.28
C ALA A 82 10.04 3.20 -0.91
N ASN A 83 10.19 4.22 -1.73
CA ASN A 83 9.46 5.47 -1.53
C ASN A 83 7.96 5.18 -1.68
N ILE A 84 7.16 5.62 -0.71
CA ILE A 84 5.72 5.39 -0.80
C ILE A 84 4.95 6.65 -0.46
N ILE A 85 3.98 6.97 -1.32
CA ILE A 85 3.06 8.07 -1.07
C ILE A 85 1.81 7.49 -0.39
N GLY A 86 1.51 8.03 0.80
CA GLY A 86 0.43 7.42 1.60
C GLY A 86 -0.80 8.28 1.58
N ARG A 87 -1.79 7.88 2.33
CA ARG A 87 -3.10 8.54 2.19
C ARG A 87 -3.06 9.99 2.61
N ASN A 88 -2.16 10.40 3.50
CA ASN A 88 -2.18 11.79 3.93
C ASN A 88 -1.96 12.76 2.78
N LEU A 89 -1.27 12.34 1.72
CA LEU A 89 -1.08 13.24 0.58
C LEU A 89 -1.96 12.87 -0.60
N LEU A 90 -2.38 11.60 -0.70
CA LEU A 90 -3.23 11.14 -1.83
C LEU A 90 -4.61 11.78 -1.76
N THR A 91 -5.06 12.00 -0.50
CA THR A 91 -6.37 12.66 -0.43
C THR A 91 -6.26 14.06 -1.03
N GLN A 92 -5.12 14.72 -0.80
CA GLN A 92 -5.08 16.13 -1.22
C GLN A 92 -5.00 16.33 -2.72
N ILE A 93 -4.64 15.30 -3.49
CA ILE A 93 -4.59 15.41 -4.94
C ILE A 93 -5.85 14.83 -5.62
N GLY A 94 -6.80 14.42 -4.75
CA GLY A 94 -8.05 13.84 -5.21
C GLY A 94 -8.03 12.39 -5.65
N CYS A 95 -7.02 11.67 -5.17
CA CYS A 95 -6.82 10.33 -5.69
C CYS A 95 -7.87 9.40 -5.13
N THR A 96 -8.53 8.62 -5.97
CA THR A 96 -9.45 7.63 -5.46
C THR A 96 -9.18 6.26 -6.10
N LEU A 97 -9.69 5.24 -5.43
CA LEU A 97 -9.82 3.93 -6.02
C LEU A 97 -11.19 3.73 -6.64
N ASN A 98 -11.23 3.02 -7.79
CA ASN A 98 -12.46 2.84 -8.52
C ASN A 98 -12.56 1.48 -9.21
N PHE A 99 -13.72 0.84 -9.03
CA PHE A 99 -13.95 -0.38 -9.83
C PHE A 99 -15.45 -0.66 -9.89
N PRO B 1 -17.43 0.73 -7.19
CA PRO B 1 -17.62 1.97 -6.44
C PRO B 1 -16.35 2.82 -6.52
N GLN B 2 -16.50 4.00 -5.92
CA GLN B 2 -15.42 4.95 -5.78
C GLN B 2 -15.08 5.01 -4.30
N ILE B 3 -13.81 4.77 -3.99
CA ILE B 3 -13.42 4.81 -2.59
C ILE B 3 -12.41 5.92 -2.37
N THR B 4 -12.67 6.84 -1.44
CA THR B 4 -11.67 7.88 -1.18
C THR B 4 -10.73 7.42 -0.08
N LEU B 5 -9.76 8.28 0.22
CA LEU B 5 -8.70 7.80 1.14
C LEU B 5 -8.61 8.60 2.40
N TRP B 6 -9.66 9.35 2.79
CA TRP B 6 -9.66 10.01 4.09
C TRP B 6 -9.55 9.03 5.24
N LYS B 7 -10.12 7.86 5.08
CA LYS B 7 -9.91 6.72 5.95
C LYS B 7 -9.28 5.55 5.17
N ARG B 8 -8.78 4.55 5.89
CA ARG B 8 -8.33 3.34 5.19
C ARG B 8 -9.39 2.81 4.26
N PRO B 9 -9.01 2.45 3.04
CA PRO B 9 -9.95 1.84 2.07
C PRO B 9 -10.25 0.41 2.43
N LEU B 10 -11.06 0.24 3.47
CA LEU B 10 -11.34 -1.15 3.90
C LEU B 10 -12.54 -1.70 3.14
N VAL B 11 -12.51 -2.96 2.75
CA VAL B 11 -13.60 -3.60 2.03
C VAL B 11 -13.72 -5.06 2.43
N THR B 12 -14.91 -5.62 2.35
CA THR B 12 -14.94 -7.03 2.81
C THR B 12 -14.58 -7.95 1.67
N ILE B 13 -13.85 -9.03 1.96
N ILE B 13 -13.85 -9.02 1.95
CA ILE B 13 -13.53 -10.05 0.95
CA ILE B 13 -13.78 -10.01 0.86
C ILE B 13 -14.16 -11.38 1.33
C ILE B 13 -14.57 -11.21 1.34
N LYS B 14 -14.80 -12.13 0.42
CA LYS B 14 -15.27 -13.47 0.78
C LYS B 14 -14.17 -14.39 0.26
N ILE B 15 -13.71 -15.26 1.15
N ILE B 15 -13.70 -15.28 1.13
CA ILE B 15 -12.66 -16.21 0.75
CA ILE B 15 -12.57 -16.15 0.82
C ILE B 15 -12.76 -17.39 1.70
C ILE B 15 -12.55 -17.36 1.74
N GLY B 16 -12.45 -18.57 1.19
CA GLY B 16 -12.49 -19.74 2.07
C GLY B 16 -13.88 -19.94 2.67
N GLY B 17 -14.95 -19.49 2.04
CA GLY B 17 -16.29 -19.53 2.56
C GLY B 17 -16.57 -18.57 3.68
N GLN B 18 -15.71 -17.58 3.92
CA GLN B 18 -15.93 -16.70 5.07
C GLN B 18 -15.86 -15.29 4.56
N LEU B 19 -16.31 -14.35 5.36
CA LEU B 19 -16.11 -12.92 5.16
C LEU B 19 -15.03 -12.31 6.06
N LYS B 20 -14.21 -11.48 5.41
CA LYS B 20 -13.14 -10.86 6.18
C LYS B 20 -13.06 -9.41 5.71
N GLU B 21 -12.64 -8.50 6.56
CA GLU B 21 -12.35 -7.15 6.07
C GLU B 21 -10.88 -7.08 5.73
N ALA B 22 -10.50 -6.32 4.72
CA ALA B 22 -9.11 -6.23 4.30
C ALA B 22 -8.87 -4.86 3.72
N LEU B 23 -7.60 -4.50 3.65
CA LEU B 23 -7.27 -3.19 3.11
C LEU B 23 -6.98 -3.24 1.62
N ILE B 24 -7.64 -2.46 0.74
CA ILE B 24 -7.15 -2.37 -0.65
C ILE B 24 -5.81 -1.65 -0.70
N ASP B 25 -4.77 -2.37 -1.10
CA ASP B 25 -3.41 -1.88 -0.87
C ASP B 25 -2.59 -1.86 -2.15
N THR B 26 -2.62 -0.75 -2.88
N THR B 26 -2.65 -0.72 -2.81
CA THR B 26 -1.95 -0.68 -4.19
CA THR B 26 -2.03 -0.57 -4.14
C THR B 26 -0.43 -0.85 -4.07
C THR B 26 -0.51 -0.64 -4.09
N GLY B 27 0.09 -0.49 -2.89
CA GLY B 27 1.53 -0.66 -2.74
C GLY B 27 1.94 -2.13 -2.56
N ALA B 28 1.00 -3.05 -2.36
CA ALA B 28 1.28 -4.46 -2.12
C ALA B 28 1.30 -5.19 -3.45
N ASP B 29 2.37 -5.91 -3.81
CA ASP B 29 2.35 -6.72 -5.02
C ASP B 29 1.36 -7.89 -4.90
N ASP B 30 1.34 -8.45 -3.69
CA ASP B 30 0.66 -9.69 -3.37
C ASP B 30 -0.37 -9.45 -2.29
N THR B 31 -1.31 -10.36 -2.17
CA THR B 31 -2.35 -10.35 -1.17
C THR B 31 -1.87 -11.13 0.06
N VAL B 32 -1.92 -10.51 1.24
CA VAL B 32 -1.47 -11.19 2.45
C VAL B 32 -2.51 -11.12 3.53
N LEU B 33 -2.94 -12.26 4.06
CA LEU B 33 -3.99 -12.22 5.09
C LEU B 33 -3.45 -12.81 6.38
N GLU B 34 -4.09 -12.45 7.47
CA GLU B 34 -3.80 -13.01 8.80
C GLU B 34 -4.26 -14.47 8.77
N GLU B 35 -3.64 -15.24 9.67
CA GLU B 35 -3.96 -16.65 9.81
C GLU B 35 -5.40 -17.05 9.62
N MET B 36 -5.72 -17.96 8.74
CA MET B 36 -7.09 -18.44 8.62
C MET B 36 -7.04 -19.77 7.93
N ASN B 37 -8.19 -20.45 7.82
CA ASN B 37 -8.12 -21.66 7.00
C ASN B 37 -8.43 -21.42 5.53
N LEU B 38 -7.58 -22.09 4.73
CA LEU B 38 -7.75 -22.23 3.30
C LEU B 38 -7.48 -23.70 2.97
N PRO B 39 -8.25 -24.22 2.02
CA PRO B 39 -8.05 -25.58 1.52
C PRO B 39 -6.84 -25.79 0.63
N GLY B 40 -6.42 -27.05 0.53
CA GLY B 40 -5.43 -27.51 -0.43
C GLY B 40 -4.02 -27.39 0.14
N ARG B 41 -3.05 -27.41 -0.76
CA ARG B 41 -1.65 -27.38 -0.34
C ARG B 41 -1.08 -25.99 -0.46
N TRP B 42 0.02 -25.76 0.26
CA TRP B 42 0.65 -24.44 0.25
C TRP B 42 2.13 -24.60 0.01
N LYS B 43 2.87 -23.60 -0.39
CA LYS B 43 4.30 -23.61 -0.67
C LYS B 43 4.92 -22.43 0.05
N PRO B 44 6.20 -22.47 0.32
CA PRO B 44 6.81 -21.41 1.11
C PRO B 44 7.10 -20.17 0.27
N LYS B 45 7.02 -18.99 0.91
CA LYS B 45 7.42 -17.78 0.20
C LYS B 45 7.99 -16.78 1.20
N ILE B 46 8.95 -15.98 0.73
CA ILE B 46 9.42 -14.90 1.63
C ILE B 46 9.10 -13.57 0.92
N ILE B 47 8.50 -12.65 1.66
CA ILE B 47 8.12 -11.35 1.17
C ILE B 47 8.71 -10.31 2.11
N GLY B 48 8.78 -9.07 1.60
CA GLY B 48 9.42 -8.02 2.39
C GLY B 48 8.46 -6.86 2.57
N GLY B 49 8.52 -6.30 3.77
CA GLY B 49 7.65 -5.16 4.06
C GLY B 49 8.56 -4.08 4.62
N ILE B 50 7.95 -3.01 5.08
N ILE B 50 7.93 -3.04 5.12
CA ILE B 50 8.73 -1.86 5.50
CA ILE B 50 8.64 -2.05 5.92
C ILE B 50 9.71 -2.24 6.60
C ILE B 50 8.93 -2.75 7.26
N GLY B 51 9.38 -3.24 7.44
N GLY B 51 10.18 -2.79 7.68
CA GLY B 51 10.20 -3.55 8.59
CA GLY B 51 10.59 -3.50 8.87
C GLY B 51 10.84 -4.93 8.50
C GLY B 51 11.25 -4.83 8.58
N GLY B 52 11.35 -5.26 7.32
CA GLY B 52 12.06 -6.52 7.08
C GLY B 52 11.22 -7.54 6.35
N LEU B 53 11.74 -8.76 6.39
CA LEU B 53 11.18 -9.87 5.66
C LEU B 53 10.35 -10.77 6.57
N ILE B 54 9.29 -11.39 6.07
CA ILE B 54 8.62 -12.42 6.86
C ILE B 54 8.39 -13.67 6.01
N LYS B 55 8.21 -14.80 6.70
N LYS B 55 8.20 -14.79 6.70
CA LYS B 55 7.81 -16.02 6.05
CA LYS B 55 7.81 -16.04 6.08
C LYS B 55 6.29 -16.15 5.93
C LYS B 55 6.30 -16.16 5.93
N VAL B 56 5.83 -16.56 4.74
CA VAL B 56 4.38 -16.75 4.55
C VAL B 56 4.10 -18.07 3.86
N ARG B 57 2.83 -18.47 3.89
CA ARG B 57 2.38 -19.68 3.21
C ARG B 57 1.65 -19.26 1.95
N GLN B 58 2.04 -19.78 0.80
CA GLN B 58 1.46 -19.49 -0.47
C GLN B 58 0.42 -20.55 -0.91
N TYR B 59 -0.82 -20.09 -1.08
CA TYR B 59 -1.95 -20.89 -1.55
C TYR B 59 -2.33 -20.43 -2.97
N ASP B 60 -2.24 -21.29 -3.97
CA ASP B 60 -2.62 -20.92 -5.33
C ASP B 60 -4.07 -21.30 -5.69
N GLN B 61 -4.59 -20.59 -6.67
CA GLN B 61 -5.88 -20.82 -7.29
C GLN B 61 -6.98 -20.77 -6.25
N ILE B 62 -6.97 -19.66 -5.50
CA ILE B 62 -7.99 -19.44 -4.48
C ILE B 62 -9.04 -18.47 -5.01
N PRO B 63 -10.29 -18.89 -5.06
CA PRO B 63 -11.34 -17.98 -5.49
C PRO B 63 -11.60 -16.91 -4.43
N ILE B 64 -11.86 -15.69 -4.87
N ILE B 64 -11.83 -15.68 -4.86
CA ILE B 64 -12.15 -14.58 -3.96
CA ILE B 64 -12.12 -14.55 -3.99
C ILE B 64 -13.20 -13.66 -4.56
C ILE B 64 -13.33 -13.78 -4.55
N GLU B 65 -13.99 -12.99 -3.71
CA GLU B 65 -14.97 -12.03 -4.18
C GLU B 65 -14.84 -10.75 -3.36
N ILE B 66 -14.95 -9.62 -4.07
CA ILE B 66 -14.81 -8.27 -3.56
C ILE B 66 -15.82 -7.33 -4.21
N CYS B 67 -16.83 -6.84 -3.50
CA CYS B 67 -17.94 -6.03 -3.93
C CYS B 67 -18.73 -6.65 -5.07
N GLY B 68 -18.92 -7.96 -4.98
CA GLY B 68 -19.65 -8.74 -5.96
C GLY B 68 -18.67 -9.32 -6.96
N HIS B 69 -17.55 -8.60 -7.13
CA HIS B 69 -16.54 -8.89 -8.14
C HIS B 69 -15.65 -10.10 -7.80
N LYS B 70 -15.80 -11.07 -8.74
CA LYS B 70 -15.14 -12.33 -8.53
C LYS B 70 -13.80 -12.40 -9.27
N ALA B 71 -12.87 -13.12 -8.62
CA ALA B 71 -11.53 -13.35 -9.15
C ALA B 71 -10.93 -14.62 -8.57
N ILE B 72 -9.73 -14.95 -9.05
CA ILE B 72 -9.03 -16.06 -8.46
C ILE B 72 -7.56 -15.71 -8.52
N GLY B 73 -6.79 -16.19 -7.53
CA GLY B 73 -5.35 -15.96 -7.57
C GLY B 73 -4.61 -16.56 -6.38
N THR B 74 -3.38 -16.14 -6.21
CA THR B 74 -2.56 -16.57 -5.09
C THR B 74 -2.84 -15.72 -3.85
N VAL B 75 -3.00 -16.41 -2.70
CA VAL B 75 -3.20 -15.71 -1.43
C VAL B 75 -2.10 -16.17 -0.49
N LEU B 76 -1.44 -15.20 0.15
CA LEU B 76 -0.42 -15.47 1.13
C LEU B 76 -0.99 -15.39 2.53
N ILE B 77 -0.65 -16.37 3.37
CA ILE B 77 -1.10 -16.34 4.76
C ILE B 77 0.12 -16.21 5.66
N GLY B 78 0.14 -15.19 6.52
CA GLY B 78 1.27 -15.06 7.43
C GLY B 78 1.08 -13.94 8.44
N PRO B 79 2.16 -13.68 9.16
CA PRO B 79 2.14 -12.71 10.27
C PRO B 79 2.10 -11.26 9.86
N THR B 80 1.10 -10.90 9.08
CA THR B 80 0.94 -9.47 8.78
C THR B 80 0.08 -8.79 9.82
N PRO B 81 0.44 -7.61 10.26
CA PRO B 81 -0.44 -6.84 11.14
C PRO B 81 -1.74 -6.38 10.50
N ALA B 82 -1.93 -6.47 9.19
CA ALA B 82 -3.21 -6.07 8.59
C ALA B 82 -3.60 -6.95 7.41
N ASN B 83 -4.87 -7.36 7.19
CA ASN B 83 -5.23 -8.11 5.99
C ASN B 83 -5.07 -7.18 4.79
N ILE B 84 -4.25 -7.53 3.79
CA ILE B 84 -4.12 -6.59 2.66
C ILE B 84 -4.42 -7.27 1.34
N ILE B 85 -5.19 -6.57 0.50
CA ILE B 85 -5.46 -7.06 -0.85
C ILE B 85 -4.52 -6.34 -1.81
N GLY B 86 -3.69 -7.12 -2.51
CA GLY B 86 -2.66 -6.55 -3.35
C GLY B 86 -2.99 -6.56 -4.82
N ARG B 87 -2.05 -6.06 -5.62
CA ARG B 87 -2.36 -5.85 -7.04
C ARG B 87 -2.72 -7.15 -7.75
N ASN B 88 -2.23 -8.30 -7.28
CA ASN B 88 -2.50 -9.52 -8.02
C ASN B 88 -4.00 -9.81 -8.12
N LEU B 89 -4.74 -9.36 -7.10
CA LEU B 89 -6.19 -9.52 -7.13
C LEU B 89 -6.89 -8.25 -7.59
N LEU B 90 -6.37 -7.09 -7.18
CA LEU B 90 -7.02 -5.83 -7.62
C LEU B 90 -7.13 -5.68 -9.12
N THR B 91 -6.14 -6.17 -9.89
CA THR B 91 -6.28 -6.03 -11.34
C THR B 91 -7.47 -6.81 -11.86
N GLN B 92 -7.75 -7.93 -11.23
CA GLN B 92 -8.76 -8.88 -11.72
C GLN B 92 -10.18 -8.34 -11.58
N ILE B 93 -10.33 -7.41 -10.64
CA ILE B 93 -11.62 -6.76 -10.45
C ILE B 93 -11.69 -5.39 -11.12
N GLY B 94 -10.63 -5.06 -11.89
CA GLY B 94 -10.73 -3.78 -12.62
C GLY B 94 -10.56 -2.58 -11.73
N CYS B 95 -9.78 -2.73 -10.67
CA CYS B 95 -9.57 -1.57 -9.76
C CYS B 95 -8.47 -0.65 -10.28
N THR B 96 -8.71 0.65 -10.40
CA THR B 96 -7.71 1.60 -10.85
C THR B 96 -7.54 2.76 -9.88
N LEU B 97 -6.46 3.51 -9.98
CA LEU B 97 -6.31 4.77 -9.23
C LEU B 97 -6.67 5.96 -10.09
N ASN B 98 -7.33 6.98 -9.54
CA ASN B 98 -7.80 8.04 -10.45
C ASN B 98 -7.57 9.38 -9.81
N PHE B 99 -7.03 10.36 -10.52
CA PHE B 99 -6.97 11.73 -9.96
C PHE B 99 -6.75 12.72 -11.13
BR BR C . -0.37 15.35 6.94
BR BR D . -7.60 -3.18 -17.37
BR BR E . 14.70 1.42 12.79
BR BR F . 8.51 -8.89 -1.30
BR BR F . 2.17 2.51 11.75
BR BR G . 9.92 -2.88 -2.26
BR BR G . -1.64 -1.93 10.27
C1 AB2 H . 4.94 -9.83 -2.30
C1 AB2 H . 1.74 5.74 6.45
O1 AB2 H . 3.97 -8.85 -1.98
O1 AB2 H . 2.40 5.22 7.65
C2 AB2 H . 3.88 -7.97 -0.92
C2 AB2 H . 2.76 3.91 7.22
C3 AB2 H . 2.58 -7.44 -0.46
C3 AB2 H . 3.04 3.86 5.77
C4 AB2 H . 2.58 -6.51 0.64
C4 AB2 H . 3.31 2.59 5.21
C5 AB2 H . 3.80 -6.11 1.24
C5 AB2 H . 3.19 1.45 6.04
C6 AB2 H . 5.06 -6.69 0.80
C6 AB2 H . 2.98 1.52 7.48
C7 AB2 H . 5.10 -7.60 -0.30
C7 AB2 H . 2.70 2.80 8.07
S1 AB2 H . 3.85 -4.72 2.39
S1 AB2 H . 3.65 -0.10 5.27
O2 AB2 H . 2.84 -5.00 3.33
O2 AB2 H . 4.75 0.18 4.45
O3 AB2 H . 5.10 -4.71 2.99
O3 AB2 H . 3.97 -0.94 6.36
N1 AB2 H . 3.68 -3.29 1.43
N1 AB2 H . 2.21 -0.77 4.55
C8 AB2 H . 4.60 -2.71 0.44
C8 AB2 H . 1.01 -1.10 5.36
C9 AB2 H . 5.01 -1.25 0.31
C9 AB2 H . 0.35 -2.46 5.49
C10 AB2 H . 6.36 -1.02 -0.37
C10 AB2 H . 1.26 -3.57 5.99
C11 AB2 H . 3.91 -0.53 -0.47
C11 AB2 H . -0.94 -2.30 6.31
C12 AB2 H . 2.37 -2.68 1.49
C12 AB2 H . 1.88 -0.36 3.19
C13 AB2 H . 1.86 -1.62 2.33
C13 AB2 H . 2.10 -1.14 1.98
O4 AB2 H . 0.74 -0.88 1.99
O4 AB2 H . 1.34 -1.08 0.84
C14 AB2 H . 2.34 -1.79 3.82
C14 AB2 H . 3.42 -1.94 2.18
C15 AB2 H . 0.86 -2.02 4.34
C15 AB2 H . 4.19 -1.26 0.99
C16 AB2 H . 1.02 -2.70 5.72
C16 AB2 H . 5.65 -1.73 1.26
C17 AB2 H . 1.07 -4.14 5.77
C17 AB2 H . 6.53 -0.94 2.07
C18 AB2 H . 1.23 -4.74 7.07
C18 AB2 H . 7.87 -1.47 2.22
C19 AB2 H . 1.33 -3.90 8.22
C19 AB2 H . 8.14 -2.76 1.65
C20 AB2 H . 1.26 -2.47 8.17
C20 AB2 H . 7.31 -3.55 0.83
C21 AB2 H . 1.13 -1.86 6.88
C21 AB2 H . 6.01 -2.97 0.60
N2 AB2 H . 2.96 -0.66 4.53
N2 AB2 H . 3.50 -3.43 2.14
C22 AB2 H . 2.58 0.64 4.76
C22 AB2 H . 3.07 -4.33 1.20
C23 AB2 H . 3.58 1.23 5.49
C23 AB2 H . 3.41 -5.57 1.69
C24 AB2 H . 3.63 2.66 6.03
C24 AB2 H . 3.20 -6.91 1.00
O5 AB2 H . 2.73 3.04 7.06
O5 AB2 H . 4.42 -7.51 0.54
C25 AB2 H . 2.87 2.60 8.43
C25 AB2 H . 4.76 -7.22 -0.85
O6 AB2 H . 3.64 1.83 8.93
O6 AB2 H . 4.00 -6.83 -1.70
N3 AB2 H . 1.65 2.52 8.80
N3 AB2 H . 6.05 -7.03 -0.85
C26 AB2 H . 1.03 2.28 10.04
C26 AB2 H . 6.81 -7.08 -2.08
C27 AB2 H . 0.87 1.87 11.48
C27 AB2 H . 8.22 -7.46 -2.52
O7 AB2 H . 1.70 2.40 12.53
O7 AB2 H . 8.66 -8.42 -3.44
C28 AB2 H . 0.79 0.35 11.33
C28 AB2 H . 9.05 -6.44 -1.76
C29 AB2 H . -0.31 0.30 10.26
C29 AB2 H . 8.30 -5.18 -2.18
C30 AB2 H . -1.09 -0.80 9.79
C30 AB2 H . 8.73 -3.88 -2.55
C31 AB2 H . -1.59 -0.84 8.42
C31 AB2 H . 7.81 -2.90 -3.10
C32 AB2 H . -1.31 0.24 7.53
C32 AB2 H . 6.44 -3.30 -3.32
C33 AB2 H . -0.50 1.32 7.99
C33 AB2 H . 6.01 -4.60 -2.90
C34 AB2 H . -0.04 1.39 9.37
C34 AB2 H . 6.92 -5.55 -2.29
N4 AB2 H . 4.51 0.26 5.70
N4 AB2 H . 4.02 -5.38 2.89
N5 AB2 H . 4.18 -0.80 5.10
N5 AB2 H . 4.08 -4.13 3.13
BR BR I . -1.92 -14.44 -8.75
BR BR J . -18.51 -15.55 7.60
BR BR K . -9.07 4.59 9.30
BR BR L . -12.86 14.14 -1.79
BR BR M . -12.30 -9.39 9.62
BR BR N . -4.92 -18.62 -10.43
BR BR O . -13.44 -5.93 -14.64
#